data_5GAL
#
_entry.id   5GAL
#
_cell.length_a   54.230
_cell.length_b   65.180
_cell.length_c   73.390
_cell.angle_alpha   90.00
_cell.angle_beta   90.00
_cell.angle_gamma   90.00
#
_symmetry.space_group_name_H-M   'P 21 21 21'
#
loop_
_entity.id
_entity.type
_entity.pdbx_description
1 polymer GALECTIN-7
2 branched beta-D-galactopyranose-(1-4)-2-acetamido-2-deoxy-beta-D-glucopyranose
3 water water
#
_entity_poly.entity_id   1
_entity_poly.type   'polypeptide(L)'
_entity_poly.pdbx_seq_one_letter_code
;SNVPHKSSLPEGIRPGTVLRIRGLVPPNASRFHVNLLCGEEQGSDAALHFNPRLDTSEVVFNSKEQGSWGREERGPGVPF
QRGQPFEVLIIASDDGFKAVVGDAQYHHFRHRLPLARVRLVEVGGDVQLDSVRIF
;
_entity_poly.pdbx_strand_id   A,B
#
loop_
_chem_comp.id
_chem_comp.type
_chem_comp.name
_chem_comp.formula
GAL D-saccharide, beta linking beta-D-galactopyranose 'C6 H12 O6'
NAG D-saccharide, beta linking 2-acetamido-2-deoxy-beta-D-glucopyranose 'C8 H15 N O6'
#
# COMPACT_ATOMS: atom_id res chain seq x y z
N SER A 1 10.30 -21.02 -5.13
CA SER A 1 10.16 -20.18 -6.36
C SER A 1 8.74 -19.63 -6.47
N ASN A 2 7.77 -20.55 -6.48
CA ASN A 2 6.34 -20.21 -6.57
C ASN A 2 5.87 -19.43 -7.79
N VAL A 3 6.54 -19.66 -8.93
CA VAL A 3 6.22 -19.01 -10.21
C VAL A 3 6.04 -20.08 -11.30
N PRO A 4 5.08 -19.87 -12.22
CA PRO A 4 4.20 -18.69 -12.26
C PRO A 4 3.25 -18.62 -11.08
N HIS A 5 3.00 -17.41 -10.61
CA HIS A 5 2.08 -17.23 -9.51
C HIS A 5 0.87 -16.51 -10.06
N LYS A 6 -0.31 -17.07 -9.78
CA LYS A 6 -1.55 -16.49 -10.22
C LYS A 6 -2.48 -16.29 -9.05
N SER A 7 -3.05 -15.09 -8.97
CA SER A 7 -3.99 -14.74 -7.94
C SER A 7 -5.18 -14.12 -8.60
N SER A 8 -6.38 -14.63 -8.26
CA SER A 8 -7.64 -14.13 -8.82
C SER A 8 -8.15 -12.90 -8.09
N LEU A 9 -8.85 -12.04 -8.81
CA LEU A 9 -9.41 -10.83 -8.24
C LEU A 9 -10.84 -10.74 -8.76
N PRO A 10 -11.70 -11.62 -8.26
CA PRO A 10 -13.11 -11.72 -8.61
C PRO A 10 -13.84 -10.39 -8.69
N GLU A 11 -13.70 -9.57 -7.65
CA GLU A 11 -14.37 -8.29 -7.62
C GLU A 11 -13.56 -7.21 -8.31
N GLY A 12 -12.42 -7.60 -8.87
CA GLY A 12 -11.55 -6.64 -9.53
C GLY A 12 -10.83 -5.75 -8.53
N ILE A 13 -10.25 -4.66 -8.98
CA ILE A 13 -9.57 -3.76 -8.07
C ILE A 13 -10.05 -2.32 -8.21
N ARG A 14 -9.82 -1.50 -7.20
CA ARG A 14 -10.24 -0.10 -7.22
C ARG A 14 -9.15 0.79 -6.67
N PRO A 15 -9.33 2.12 -6.76
CA PRO A 15 -8.33 3.05 -6.23
C PRO A 15 -8.15 2.78 -4.73
N GLY A 16 -6.92 2.48 -4.33
CA GLY A 16 -6.64 2.17 -2.95
C GLY A 16 -6.25 0.70 -2.80
N THR A 17 -6.03 0.00 -3.91
CA THR A 17 -5.61 -1.39 -3.86
C THR A 17 -4.10 -1.37 -3.93
N VAL A 18 -3.48 -2.17 -3.06
CA VAL A 18 -2.05 -2.25 -2.97
C VAL A 18 -1.58 -3.68 -3.16
N LEU A 19 -0.62 -3.85 -4.06
CA LEU A 19 -0.01 -5.14 -4.35
C LEU A 19 1.41 -5.10 -3.79
N ARG A 20 1.73 -5.98 -2.85
CA ARG A 20 3.09 -6.02 -2.31
C ARG A 20 3.69 -7.35 -2.71
N ILE A 21 4.78 -7.30 -3.46
CA ILE A 21 5.49 -8.47 -3.94
C ILE A 21 6.92 -8.40 -3.38
N ARG A 22 7.35 -9.50 -2.79
CA ARG A 22 8.69 -9.60 -2.22
C ARG A 22 9.31 -10.84 -2.82
N GLY A 23 10.59 -10.78 -3.12
CA GLY A 23 11.21 -11.94 -3.68
C GLY A 23 12.69 -11.75 -3.82
N LEU A 24 13.32 -12.74 -4.44
CA LEU A 24 14.75 -12.69 -4.67
C LEU A 24 14.95 -12.76 -6.17
N VAL A 25 15.85 -11.94 -6.71
CA VAL A 25 16.19 -12.04 -8.14
C VAL A 25 17.35 -13.02 -8.05
N PRO A 26 17.25 -14.18 -8.72
CA PRO A 26 18.33 -15.16 -8.64
C PRO A 26 19.57 -14.81 -9.42
N PRO A 27 20.70 -15.48 -9.10
CA PRO A 27 22.00 -15.28 -9.73
C PRO A 27 21.97 -15.12 -11.25
N ASN A 28 21.30 -16.01 -11.97
CA ASN A 28 21.28 -15.87 -13.42
C ASN A 28 19.99 -15.34 -14.04
N ALA A 29 19.25 -14.52 -13.31
CA ALA A 29 18.01 -13.98 -13.83
C ALA A 29 18.24 -13.11 -15.08
N SER A 30 17.32 -13.21 -16.03
CA SER A 30 17.36 -12.42 -17.25
C SER A 30 16.29 -11.37 -17.04
N ARG A 31 15.09 -11.84 -16.76
CA ARG A 31 13.97 -10.92 -16.53
C ARG A 31 12.74 -11.62 -15.94
N PHE A 32 11.83 -10.84 -15.39
CA PHE A 32 10.60 -11.41 -14.85
C PHE A 32 9.54 -10.34 -15.03
N HIS A 33 8.27 -10.68 -14.75
CA HIS A 33 7.18 -9.73 -14.92
C HIS A 33 6.06 -9.92 -13.92
N VAL A 34 5.28 -8.85 -13.81
CA VAL A 34 4.09 -8.81 -12.98
C VAL A 34 3.02 -8.24 -13.93
N ASN A 35 1.99 -9.05 -14.23
CA ASN A 35 0.88 -8.65 -15.09
C ASN A 35 -0.44 -8.51 -14.36
N LEU A 36 -1.21 -7.50 -14.70
CA LEU A 36 -2.53 -7.34 -14.14
C LEU A 36 -3.38 -7.65 -15.38
N LEU A 37 -3.82 -8.91 -15.47
CA LEU A 37 -4.61 -9.41 -16.59
C LEU A 37 -6.12 -9.24 -16.46
N CYS A 38 -6.80 -9.27 -17.60
CA CYS A 38 -8.25 -9.08 -17.63
C CYS A 38 -9.02 -10.41 -17.68
N GLY A 39 -8.33 -11.51 -17.93
CA GLY A 39 -8.96 -12.81 -17.98
C GLY A 39 -7.93 -13.92 -17.73
N GLU A 40 -8.38 -15.17 -17.65
CA GLU A 40 -7.45 -16.27 -17.42
C GLU A 40 -7.00 -16.92 -18.70
N GLU A 41 -7.50 -16.44 -19.83
CA GLU A 41 -7.11 -17.01 -21.12
C GLU A 41 -5.73 -16.52 -21.55
N GLN A 42 -5.00 -17.38 -22.25
CA GLN A 42 -3.67 -17.01 -22.73
C GLN A 42 -3.79 -15.79 -23.63
N GLY A 43 -2.87 -14.84 -23.49
CA GLY A 43 -2.89 -13.66 -24.32
C GLY A 43 -3.88 -12.59 -23.92
N SER A 44 -4.51 -12.78 -22.78
CA SER A 44 -5.47 -11.84 -22.24
C SER A 44 -4.98 -10.39 -22.24
N ASP A 45 -5.91 -9.45 -22.26
CA ASP A 45 -5.55 -8.04 -22.23
C ASP A 45 -4.88 -7.81 -20.88
N ALA A 46 -4.05 -6.78 -20.79
CA ALA A 46 -3.37 -6.48 -19.54
C ALA A 46 -3.40 -5.00 -19.25
N ALA A 47 -3.97 -4.66 -18.11
CA ALA A 47 -4.04 -3.28 -17.69
C ALA A 47 -2.62 -2.81 -17.36
N LEU A 48 -1.79 -3.74 -16.89
CA LEU A 48 -0.40 -3.44 -16.52
C LEU A 48 0.53 -4.62 -16.71
N HIS A 49 1.64 -4.36 -17.39
CA HIS A 49 2.67 -5.36 -17.59
C HIS A 49 3.91 -4.63 -17.05
N PHE A 50 4.50 -5.15 -15.98
CA PHE A 50 5.68 -4.58 -15.33
C PHE A 50 6.77 -5.59 -15.62
N ASN A 51 7.84 -5.16 -16.29
CA ASN A 51 8.88 -6.09 -16.75
C ASN A 51 10.35 -5.73 -16.50
N PRO A 52 10.88 -6.00 -15.28
CA PRO A 52 12.30 -5.66 -15.06
C PRO A 52 13.18 -6.59 -15.91
N ARG A 53 14.01 -6.00 -16.76
CA ARG A 53 14.90 -6.77 -17.63
C ARG A 53 16.32 -6.62 -17.12
N LEU A 54 16.79 -7.61 -16.36
CA LEU A 54 18.12 -7.57 -15.79
C LEU A 54 19.14 -7.79 -16.89
N ASP A 55 18.73 -8.43 -17.98
CA ASP A 55 19.67 -8.67 -19.05
C ASP A 55 19.94 -7.52 -20.01
N THR A 56 19.12 -6.48 -19.96
CA THR A 56 19.33 -5.34 -20.86
C THR A 56 19.34 -4.10 -20.03
N SER A 57 19.21 -4.28 -18.72
CA SER A 57 19.22 -3.18 -17.78
C SER A 57 18.16 -2.15 -17.99
N GLU A 58 16.92 -2.61 -18.19
CA GLU A 58 15.81 -1.68 -18.36
C GLU A 58 14.61 -2.19 -17.58
N VAL A 59 13.71 -1.28 -17.24
CA VAL A 59 12.47 -1.68 -16.58
C VAL A 59 11.34 -1.09 -17.41
N VAL A 60 10.63 -1.99 -18.08
CA VAL A 60 9.53 -1.66 -18.98
C VAL A 60 8.09 -1.83 -18.41
N PHE A 61 7.23 -0.85 -18.70
CA PHE A 61 5.82 -0.87 -18.32
C PHE A 61 5.01 -0.78 -19.62
N ASN A 62 4.00 -1.64 -19.78
CA ASN A 62 3.16 -1.58 -20.96
C ASN A 62 1.75 -2.11 -20.62
N SER A 63 0.86 -2.06 -21.60
CA SER A 63 -0.47 -2.61 -21.42
C SER A 63 -0.74 -3.34 -22.72
N LYS A 64 -1.72 -4.26 -22.71
CA LYS A 64 -2.10 -5.01 -23.90
C LYS A 64 -3.59 -4.86 -23.99
N GLU A 65 -4.04 -4.42 -25.15
CA GLU A 65 -5.45 -4.18 -25.36
C GLU A 65 -5.85 -4.72 -26.73
N GLN A 66 -6.85 -5.58 -26.76
CA GLN A 66 -7.31 -6.17 -28.01
C GLN A 66 -6.18 -7.00 -28.60
N GLY A 67 -5.41 -7.65 -27.75
CA GLY A 67 -4.32 -8.48 -28.23
C GLY A 67 -3.23 -7.64 -28.87
N SER A 68 -3.28 -6.34 -28.63
CA SER A 68 -2.28 -5.44 -29.18
C SER A 68 -1.47 -4.72 -28.10
N TRP A 69 -0.15 -4.88 -28.14
CA TRP A 69 0.73 -4.22 -27.16
C TRP A 69 0.80 -2.69 -27.36
N GLY A 70 0.76 -1.94 -26.28
CA GLY A 70 0.81 -0.50 -26.39
C GLY A 70 2.24 -0.01 -26.54
N ARG A 71 2.41 1.27 -26.27
CA ARG A 71 3.70 1.94 -26.33
C ARG A 71 4.42 1.71 -24.99
N GLU A 72 5.61 1.14 -25.02
CA GLU A 72 6.37 0.90 -23.80
C GLU A 72 6.79 2.20 -23.13
N GLU A 73 6.81 2.18 -21.80
CA GLU A 73 7.28 3.31 -20.99
C GLU A 73 8.46 2.73 -20.22
N ARG A 74 9.54 3.49 -20.07
CA ARG A 74 10.69 2.98 -19.34
C ARG A 74 10.91 3.74 -18.03
N GLY A 75 11.13 3.00 -16.93
CA GLY A 75 11.36 3.64 -15.65
C GLY A 75 12.81 4.13 -15.54
N PRO A 76 13.13 4.99 -14.55
CA PRO A 76 14.46 5.54 -14.31
C PRO A 76 15.48 4.57 -13.76
N GLY A 77 16.19 3.86 -14.64
CA GLY A 77 17.19 2.91 -14.17
C GLY A 77 16.63 1.59 -13.64
N VAL A 78 17.52 0.63 -13.37
CA VAL A 78 17.13 -0.69 -12.85
C VAL A 78 17.42 -0.81 -11.35
N PRO A 79 16.38 -0.72 -10.51
CA PRO A 79 16.55 -0.82 -9.06
C PRO A 79 16.40 -2.26 -8.58
N PHE A 80 16.95 -3.19 -9.34
CA PHE A 80 16.91 -4.61 -9.02
C PHE A 80 18.32 -5.12 -9.26
N GLN A 81 18.63 -6.28 -8.71
CA GLN A 81 19.96 -6.87 -8.85
C GLN A 81 19.93 -8.38 -8.68
N ARG A 82 20.66 -9.08 -9.53
CA ARG A 82 20.73 -10.52 -9.40
C ARG A 82 21.36 -10.83 -8.03
N GLY A 83 20.85 -11.86 -7.36
CA GLY A 83 21.36 -12.25 -6.06
C GLY A 83 20.94 -11.33 -4.94
N GLN A 84 19.98 -10.45 -5.23
CA GLN A 84 19.48 -9.51 -4.26
C GLN A 84 17.98 -9.58 -4.15
N PRO A 85 17.42 -9.51 -2.92
CA PRO A 85 15.98 -9.54 -2.67
C PRO A 85 15.36 -8.19 -2.97
N PHE A 86 14.03 -8.13 -2.98
CA PHE A 86 13.38 -6.87 -3.29
C PHE A 86 11.99 -6.88 -2.75
N GLU A 87 11.42 -5.68 -2.67
CA GLU A 87 10.04 -5.49 -2.26
C GLU A 87 9.50 -4.46 -3.24
N VAL A 88 8.35 -4.76 -3.84
CA VAL A 88 7.73 -3.83 -4.78
C VAL A 88 6.29 -3.57 -4.35
N LEU A 89 5.86 -2.33 -4.44
CA LEU A 89 4.49 -2.00 -4.12
C LEU A 89 3.87 -1.41 -5.39
N ILE A 90 2.78 -1.98 -5.85
CA ILE A 90 2.12 -1.45 -7.02
C ILE A 90 0.80 -0.96 -6.45
N ILE A 91 0.63 0.35 -6.43
CA ILE A 91 -0.55 0.97 -5.88
C ILE A 91 -1.44 1.52 -6.95
N ALA A 92 -2.70 1.10 -6.91
CA ALA A 92 -3.67 1.58 -7.88
C ALA A 92 -4.28 2.84 -7.31
N SER A 93 -4.15 3.94 -8.04
CA SER A 93 -4.72 5.19 -7.59
C SER A 93 -5.80 5.64 -8.59
N ASP A 94 -6.29 6.87 -8.43
CA ASP A 94 -7.32 7.41 -9.31
C ASP A 94 -6.89 7.54 -10.77
N ASP A 95 -5.63 7.88 -11.05
CA ASP A 95 -5.25 8.03 -12.45
C ASP A 95 -4.11 7.17 -13.00
N GLY A 96 -3.59 6.27 -12.19
CA GLY A 96 -2.51 5.41 -12.66
C GLY A 96 -2.08 4.42 -11.61
N PHE A 97 -1.03 3.67 -11.88
CA PHE A 97 -0.50 2.70 -10.93
C PHE A 97 0.81 3.29 -10.45
N LYS A 98 1.01 3.39 -9.14
CA LYS A 98 2.29 3.91 -8.63
C LYS A 98 3.20 2.72 -8.29
N ALA A 99 4.42 2.73 -8.83
CA ALA A 99 5.39 1.67 -8.61
C ALA A 99 6.43 2.17 -7.63
N VAL A 100 6.53 1.47 -6.50
CA VAL A 100 7.45 1.83 -5.44
C VAL A 100 8.43 0.67 -5.29
N VAL A 101 9.69 0.92 -5.60
CA VAL A 101 10.68 -0.13 -5.48
C VAL A 101 11.71 0.24 -4.45
N GLY A 102 11.95 -0.66 -3.50
CA GLY A 102 12.92 -0.40 -2.45
C GLY A 102 12.69 0.86 -1.63
N ASP A 103 11.46 1.07 -1.18
CA ASP A 103 11.13 2.21 -0.36
C ASP A 103 11.14 3.59 -1.05
N ALA A 104 11.26 3.62 -2.37
CA ALA A 104 11.24 4.91 -3.05
C ALA A 104 10.31 4.86 -4.25
N GLN A 105 9.67 6.00 -4.53
CA GLN A 105 8.78 6.14 -5.69
C GLN A 105 9.63 5.92 -6.93
N TYR A 106 9.19 5.01 -7.79
CA TYR A 106 9.99 4.70 -8.96
C TYR A 106 9.40 5.16 -10.32
N HIS A 107 8.10 4.89 -10.54
CA HIS A 107 7.43 5.29 -11.77
C HIS A 107 5.90 5.35 -11.55
N HIS A 108 5.22 6.20 -12.33
CA HIS A 108 3.78 6.30 -12.26
C HIS A 108 3.27 6.00 -13.67
N PHE A 109 2.45 4.95 -13.80
CA PHE A 109 1.90 4.51 -15.09
C PHE A 109 0.42 4.90 -15.20
N ARG A 110 0.14 5.93 -15.98
CA ARG A 110 -1.23 6.40 -16.19
C ARG A 110 -2.10 5.24 -16.68
N HIS A 111 -3.34 5.18 -16.21
CA HIS A 111 -4.26 4.12 -16.58
C HIS A 111 -4.49 4.10 -18.08
N ARG A 112 -4.50 2.92 -18.68
CA ARG A 112 -4.76 2.79 -20.10
C ARG A 112 -6.05 2.00 -20.31
N LEU A 113 -6.28 1.04 -19.43
CA LEU A 113 -7.49 0.24 -19.49
C LEU A 113 -8.26 0.57 -18.21
N PRO A 114 -9.60 0.38 -18.22
CA PRO A 114 -10.36 0.68 -17.01
C PRO A 114 -10.00 -0.30 -15.87
N LEU A 115 -9.77 0.24 -14.68
CA LEU A 115 -9.39 -0.58 -13.52
C LEU A 115 -10.37 -1.71 -13.23
N ALA A 116 -11.64 -1.48 -13.54
CA ALA A 116 -12.71 -2.46 -13.30
C ALA A 116 -12.56 -3.74 -14.09
N ARG A 117 -11.70 -3.74 -15.11
CA ARG A 117 -11.52 -4.94 -15.92
C ARG A 117 -10.47 -5.94 -15.39
N VAL A 118 -9.59 -5.50 -14.47
CA VAL A 118 -8.57 -6.38 -13.93
C VAL A 118 -9.21 -7.56 -13.17
N ARG A 119 -8.76 -8.78 -13.43
CA ARG A 119 -9.34 -9.92 -12.76
C ARG A 119 -8.29 -10.95 -12.31
N LEU A 120 -7.02 -10.66 -12.58
CA LEU A 120 -6.00 -11.62 -12.24
C LEU A 120 -4.62 -10.96 -12.12
N VAL A 121 -3.82 -11.43 -11.18
CA VAL A 121 -2.47 -10.93 -11.05
C VAL A 121 -1.60 -12.14 -11.33
N GLU A 122 -0.65 -11.98 -12.23
CA GLU A 122 0.25 -13.07 -12.53
C GLU A 122 1.70 -12.59 -12.38
N VAL A 123 2.54 -13.43 -11.78
CA VAL A 123 3.95 -13.11 -11.56
C VAL A 123 4.75 -14.26 -12.15
N GLY A 124 5.70 -13.97 -13.02
CA GLY A 124 6.46 -15.06 -13.58
C GLY A 124 7.83 -14.65 -14.03
N GLY A 125 8.55 -15.58 -14.63
CA GLY A 125 9.89 -15.24 -15.09
C GLY A 125 11.00 -15.69 -14.17
N ASP A 126 12.16 -15.05 -14.28
CA ASP A 126 13.31 -15.41 -13.44
C ASP A 126 13.24 -14.73 -12.10
N VAL A 127 12.33 -15.16 -11.24
CA VAL A 127 12.19 -14.59 -9.91
C VAL A 127 11.86 -15.74 -8.95
N GLN A 128 12.21 -15.58 -7.67
CA GLN A 128 11.91 -16.59 -6.67
C GLN A 128 11.11 -15.81 -5.66
N LEU A 129 9.80 -16.01 -5.73
CA LEU A 129 8.88 -15.29 -4.89
C LEU A 129 8.88 -15.64 -3.41
N ASP A 130 8.73 -14.62 -2.59
CA ASP A 130 8.63 -14.82 -1.15
C ASP A 130 7.13 -14.74 -0.90
N SER A 131 6.52 -13.63 -1.31
CA SER A 131 5.09 -13.46 -1.11
C SER A 131 4.49 -12.37 -2.00
N VAL A 132 3.20 -12.51 -2.27
CA VAL A 132 2.45 -11.53 -3.06
C VAL A 132 1.22 -11.28 -2.19
N ARG A 133 1.06 -10.06 -1.70
CA ARG A 133 -0.10 -9.76 -0.87
C ARG A 133 -0.87 -8.66 -1.57
N ILE A 134 -2.20 -8.70 -1.48
CA ILE A 134 -3.01 -7.66 -2.09
C ILE A 134 -3.85 -7.05 -1.00
N PHE A 135 -3.66 -5.77 -0.72
CA PHE A 135 -4.41 -5.12 0.34
C PHE A 135 -5.38 -4.09 -0.24
N PRO B 4 5.23 14.04 20.18
CA PRO B 4 4.07 13.88 19.26
C PRO B 4 4.47 14.21 17.85
N HIS B 5 4.90 13.21 17.11
CA HIS B 5 5.31 13.41 15.73
C HIS B 5 4.22 14.07 14.88
N LYS B 6 4.62 14.94 13.97
CA LYS B 6 3.69 15.62 13.07
C LYS B 6 4.33 15.75 11.70
N SER B 7 3.52 15.67 10.65
CA SER B 7 4.00 15.82 9.29
C SER B 7 2.84 16.09 8.32
N SER B 8 3.04 17.09 7.49
CA SER B 8 2.03 17.47 6.53
C SER B 8 1.94 16.44 5.43
N LEU B 9 0.85 16.53 4.70
CA LEU B 9 0.61 15.68 3.56
C LEU B 9 0.55 16.75 2.46
N PRO B 10 1.69 17.03 1.82
CA PRO B 10 1.85 18.04 0.75
C PRO B 10 0.72 18.09 -0.27
N GLU B 11 0.49 17.01 -0.98
CA GLU B 11 -0.59 17.01 -1.96
C GLU B 11 -1.89 16.51 -1.29
N GLY B 12 -1.90 16.44 0.04
CA GLY B 12 -3.06 15.96 0.77
C GLY B 12 -3.16 14.45 0.56
N ILE B 13 -4.30 13.86 0.87
CA ILE B 13 -4.43 12.43 0.64
C ILE B 13 -5.64 12.17 -0.25
N ARG B 14 -5.57 11.12 -1.06
CA ARG B 14 -6.63 10.76 -2.00
C ARG B 14 -6.61 9.25 -2.23
N PRO B 15 -7.68 8.67 -2.81
CA PRO B 15 -7.72 7.23 -3.07
C PRO B 15 -6.42 6.79 -3.71
N GLY B 16 -5.69 5.93 -3.01
CA GLY B 16 -4.42 5.49 -3.56
C GLY B 16 -3.25 5.96 -2.71
N THR B 17 -3.53 6.77 -1.70
CA THR B 17 -2.49 7.26 -0.80
C THR B 17 -2.22 6.24 0.31
N VAL B 18 -0.97 5.84 0.46
CA VAL B 18 -0.63 4.89 1.50
C VAL B 18 0.30 5.53 2.52
N LEU B 19 0.02 5.29 3.79
CA LEU B 19 0.82 5.80 4.89
C LEU B 19 1.49 4.58 5.50
N ARG B 20 2.80 4.59 5.60
CA ARG B 20 3.48 3.45 6.20
C ARG B 20 4.16 3.91 7.47
N ILE B 21 3.73 3.37 8.59
CA ILE B 21 4.31 3.72 9.88
C ILE B 21 5.05 2.52 10.42
N ARG B 22 6.34 2.71 10.68
CA ARG B 22 7.18 1.66 11.23
C ARG B 22 7.60 2.16 12.59
N GLY B 23 7.56 1.28 13.58
CA GLY B 23 7.93 1.71 14.91
C GLY B 23 8.09 0.52 15.84
N LEU B 24 8.10 0.81 17.13
CA LEU B 24 8.27 -0.22 18.13
C LEU B 24 7.48 0.13 19.34
N VAL B 25 6.73 -0.85 19.85
CA VAL B 25 5.93 -0.60 21.03
C VAL B 25 6.86 -0.75 22.22
N PRO B 26 7.09 0.36 22.94
CA PRO B 26 7.96 0.35 24.12
C PRO B 26 7.59 -0.72 25.17
N PRO B 27 8.60 -1.39 25.75
CA PRO B 27 8.38 -2.42 26.76
C PRO B 27 7.28 -2.14 27.78
N ASN B 28 7.11 -0.88 28.17
CA ASN B 28 6.07 -0.56 29.15
C ASN B 28 4.94 0.32 28.61
N ALA B 29 4.67 0.20 27.31
CA ALA B 29 3.63 0.99 26.70
C ALA B 29 2.22 0.66 27.23
N SER B 30 1.39 1.71 27.35
CA SER B 30 0.01 1.55 27.79
C SER B 30 -0.88 1.67 26.55
N ARG B 31 -0.55 2.60 25.67
CA ARG B 31 -1.30 2.76 24.44
C ARG B 31 -0.69 3.85 23.59
N PHE B 32 -1.15 3.97 22.34
CA PHE B 32 -0.68 5.00 21.43
C PHE B 32 -1.69 5.29 20.30
N HIS B 33 -1.43 6.30 19.50
CA HIS B 33 -2.38 6.62 18.44
C HIS B 33 -1.76 7.30 17.21
N VAL B 34 -2.55 7.29 16.14
CA VAL B 34 -2.18 7.90 14.90
C VAL B 34 -3.43 8.68 14.51
N ASN B 35 -3.28 9.96 14.27
CA ASN B 35 -4.41 10.78 13.91
C ASN B 35 -4.22 11.40 12.54
N LEU B 36 -5.27 11.45 11.75
CA LEU B 36 -5.23 12.14 10.45
C LEU B 36 -6.08 13.40 10.72
N LEU B 37 -5.41 14.55 10.89
CA LEU B 37 -6.06 15.81 11.20
C LEU B 37 -6.31 16.68 9.99
N CYS B 38 -7.30 17.56 10.09
CA CYS B 38 -7.67 18.44 8.98
C CYS B 38 -7.12 19.83 9.14
N GLY B 39 -6.44 20.07 10.25
CA GLY B 39 -5.87 21.38 10.49
C GLY B 39 -4.70 21.29 11.45
N GLU B 40 -3.91 22.34 11.54
CA GLU B 40 -2.78 22.32 12.44
C GLU B 40 -3.14 22.90 13.80
N GLU B 41 -4.35 23.45 13.93
CA GLU B 41 -4.80 24.04 15.18
C GLU B 41 -4.97 22.96 16.24
N GLN B 42 -4.67 23.28 17.49
CA GLN B 42 -4.84 22.31 18.56
C GLN B 42 -6.33 21.98 18.58
N GLY B 43 -6.64 20.72 18.86
CA GLY B 43 -8.03 20.31 18.91
C GLY B 43 -8.73 20.42 17.56
N SER B 44 -8.17 19.79 16.54
CA SER B 44 -8.77 19.83 15.21
C SER B 44 -9.62 18.59 14.92
N ASP B 45 -10.42 18.65 13.88
CA ASP B 45 -11.24 17.51 13.51
C ASP B 45 -10.27 16.41 13.11
N ALA B 46 -10.51 15.20 13.56
CA ALA B 46 -9.67 14.07 13.21
C ALA B 46 -10.48 13.19 12.26
N ALA B 47 -10.11 13.15 10.98
CA ALA B 47 -10.81 12.30 10.01
C ALA B 47 -10.63 10.84 10.41
N LEU B 48 -9.54 10.57 11.13
CA LEU B 48 -9.26 9.22 11.58
C LEU B 48 -8.40 9.23 12.83
N HIS B 49 -8.83 8.49 13.84
CA HIS B 49 -8.14 8.32 15.11
C HIS B 49 -7.99 6.80 15.27
N PHE B 50 -6.74 6.33 15.18
CA PHE B 50 -6.39 4.91 15.30
C PHE B 50 -5.67 4.80 16.65
N ASN B 51 -6.21 3.99 17.55
CA ASN B 51 -5.68 3.91 18.91
C ASN B 51 -5.44 2.56 19.59
N PRO B 52 -4.32 1.87 19.28
CA PRO B 52 -4.04 0.58 19.93
C PRO B 52 -3.89 0.78 21.45
N ARG B 53 -4.67 0.04 22.23
CA ARG B 53 -4.62 0.18 23.69
C ARG B 53 -4.12 -1.11 24.30
N LEU B 54 -2.80 -1.19 24.46
CA LEU B 54 -2.16 -2.38 25.00
C LEU B 54 -2.64 -2.73 26.40
N ASP B 55 -3.16 -1.74 27.13
CA ASP B 55 -3.63 -2.00 28.49
C ASP B 55 -5.08 -2.49 28.59
N THR B 56 -6.01 -1.92 27.82
CA THR B 56 -7.40 -2.39 27.87
C THR B 56 -7.60 -3.44 26.80
N SER B 57 -6.49 -3.82 26.18
CA SER B 57 -6.45 -4.83 25.12
C SER B 57 -7.52 -4.66 24.05
N GLU B 58 -7.52 -3.51 23.39
CA GLU B 58 -8.47 -3.19 22.33
C GLU B 58 -7.89 -2.09 21.43
N VAL B 59 -8.36 -2.03 20.18
CA VAL B 59 -7.89 -1.02 19.25
C VAL B 59 -9.08 -0.19 18.76
N VAL B 60 -9.16 1.06 19.19
CA VAL B 60 -10.27 1.92 18.81
C VAL B 60 -10.06 2.81 17.59
N PHE B 61 -11.04 2.85 16.71
CA PHE B 61 -11.00 3.71 15.54
C PHE B 61 -12.09 4.73 15.86
N ASN B 62 -11.90 5.99 15.45
CA ASN B 62 -12.90 7.00 15.75
C ASN B 62 -12.65 8.29 14.98
N SER B 63 -13.66 9.16 15.00
CA SER B 63 -13.60 10.44 14.32
C SER B 63 -13.79 11.51 15.39
N LYS B 64 -13.38 12.74 15.11
CA LYS B 64 -13.59 13.84 16.05
C LYS B 64 -13.96 15.03 15.18
N GLU B 65 -15.17 15.53 15.35
CA GLU B 65 -15.60 16.64 14.53
C GLU B 65 -16.20 17.75 15.35
N GLN B 66 -16.06 18.97 14.85
CA GLN B 66 -16.56 20.14 15.52
C GLN B 66 -16.34 20.01 17.01
N GLY B 67 -15.26 19.33 17.40
CA GLY B 67 -14.94 19.18 18.80
C GLY B 67 -15.34 17.94 19.61
N SER B 68 -16.29 17.15 19.12
CA SER B 68 -16.73 15.95 19.86
C SER B 68 -16.39 14.63 19.18
N TRP B 69 -16.15 13.61 19.99
CA TRP B 69 -15.83 12.28 19.46
C TRP B 69 -17.05 11.71 18.76
N GLY B 70 -16.88 10.55 18.13
CA GLY B 70 -18.00 9.95 17.41
C GLY B 70 -18.21 8.49 17.74
N ARG B 71 -18.91 7.79 16.86
CA ARG B 71 -19.15 6.38 17.09
C ARG B 71 -17.86 5.62 16.89
N GLU B 72 -17.32 5.05 17.96
CA GLU B 72 -16.09 4.31 17.84
C GLU B 72 -16.30 2.89 17.33
N GLU B 73 -15.27 2.40 16.65
CA GLU B 73 -15.27 1.06 16.10
C GLU B 73 -14.04 0.41 16.68
N ARG B 74 -14.13 -0.89 16.93
CA ARG B 74 -13.00 -1.61 17.49
C ARG B 74 -12.57 -2.70 16.51
N GLY B 75 -11.25 -2.92 16.40
CA GLY B 75 -10.74 -3.96 15.53
C GLY B 75 -10.78 -5.26 16.31
N PRO B 76 -10.59 -6.41 15.65
CA PRO B 76 -10.63 -7.69 16.38
C PRO B 76 -9.29 -8.04 16.99
N GLY B 77 -9.13 -7.82 18.28
CA GLY B 77 -7.86 -8.14 18.90
C GLY B 77 -6.84 -7.02 18.75
N VAL B 78 -5.68 -7.23 19.35
CA VAL B 78 -4.61 -6.25 19.32
C VAL B 78 -3.41 -6.83 18.61
N PRO B 79 -3.14 -6.39 17.39
CA PRO B 79 -2.00 -6.91 16.67
C PRO B 79 -0.69 -6.23 17.05
N PHE B 80 -0.58 -5.86 18.31
CA PHE B 80 0.61 -5.20 18.81
C PHE B 80 1.11 -5.92 20.05
N GLN B 81 2.42 -5.95 20.20
CA GLN B 81 3.06 -6.62 21.32
C GLN B 81 4.08 -5.68 21.95
N ARG B 82 4.04 -5.54 23.27
CA ARG B 82 4.97 -4.68 23.99
C ARG B 82 6.40 -5.15 23.68
N GLY B 83 7.33 -4.21 23.54
CA GLY B 83 8.72 -4.57 23.23
C GLY B 83 8.91 -5.12 21.82
N GLN B 84 7.81 -5.20 21.07
CA GLN B 84 7.83 -5.70 19.70
C GLN B 84 7.71 -4.58 18.68
N PRO B 85 8.43 -4.71 17.57
CA PRO B 85 8.42 -3.73 16.48
C PRO B 85 7.21 -4.03 15.59
N PHE B 86 6.70 -3.02 14.89
CA PHE B 86 5.54 -3.19 14.03
C PHE B 86 5.62 -2.34 12.77
N GLU B 87 4.70 -2.62 11.86
CA GLU B 87 4.57 -1.88 10.62
C GLU B 87 3.09 -1.80 10.30
N VAL B 88 2.59 -0.59 10.19
CA VAL B 88 1.19 -0.34 9.92
C VAL B 88 1.06 0.36 8.59
N LEU B 89 0.12 -0.10 7.77
CA LEU B 89 -0.16 0.54 6.50
C LEU B 89 -1.55 1.11 6.63
N ILE B 90 -1.74 2.38 6.31
CA ILE B 90 -3.06 3.00 6.35
C ILE B 90 -3.35 3.38 4.91
N ILE B 91 -4.28 2.66 4.28
CA ILE B 91 -4.58 2.90 2.88
C ILE B 91 -5.92 3.58 2.64
N ALA B 92 -5.88 4.75 2.01
CA ALA B 92 -7.09 5.47 1.69
C ALA B 92 -7.62 4.95 0.38
N SER B 93 -8.87 4.49 0.41
CA SER B 93 -9.53 4.00 -0.81
C SER B 93 -10.67 4.98 -1.03
N ASP B 94 -11.30 4.90 -2.18
CA ASP B 94 -12.39 5.82 -2.47
C ASP B 94 -13.47 5.86 -1.38
N ASP B 95 -13.58 4.82 -0.55
CA ASP B 95 -14.63 4.81 0.45
C ASP B 95 -14.23 4.70 1.92
N GLY B 96 -12.94 4.64 2.21
CA GLY B 96 -12.51 4.54 3.59
C GLY B 96 -11.04 4.23 3.74
N PHE B 97 -10.62 4.04 4.98
CA PHE B 97 -9.24 3.72 5.28
C PHE B 97 -9.13 2.26 5.65
N LYS B 98 -8.16 1.60 5.04
CA LYS B 98 -7.90 0.20 5.30
C LYS B 98 -6.72 0.25 6.25
N ALA B 99 -6.78 -0.51 7.34
CA ALA B 99 -5.68 -0.57 8.27
C ALA B 99 -5.09 -1.97 8.16
N VAL B 100 -3.84 -2.05 7.74
CA VAL B 100 -3.16 -3.32 7.61
C VAL B 100 -2.06 -3.31 8.65
N VAL B 101 -1.92 -4.38 9.42
CA VAL B 101 -0.85 -4.45 10.42
C VAL B 101 -0.01 -5.67 10.09
N GLY B 102 1.19 -5.41 9.56
CA GLY B 102 2.09 -6.47 9.18
C GLY B 102 1.38 -7.55 8.40
N ASP B 103 1.50 -7.49 7.07
CA ASP B 103 0.92 -8.51 6.21
C ASP B 103 -0.55 -8.92 6.36
N ALA B 104 -1.35 -8.21 7.13
CA ALA B 104 -2.75 -8.63 7.25
C ALA B 104 -3.71 -7.46 7.33
N GLN B 105 -4.75 -7.48 6.50
CA GLN B 105 -5.77 -6.43 6.52
C GLN B 105 -6.39 -6.51 7.93
N TYR B 106 -6.45 -5.41 8.64
CA TYR B 106 -6.93 -5.48 10.00
C TYR B 106 -8.32 -4.93 10.21
N HIS B 107 -8.63 -3.81 9.56
CA HIS B 107 -9.91 -3.19 9.75
C HIS B 107 -10.14 -2.18 8.66
N HIS B 108 -11.41 -1.97 8.32
CA HIS B 108 -11.76 -0.98 7.31
C HIS B 108 -12.59 0.07 8.04
N PHE B 109 -12.26 1.34 7.78
CA PHE B 109 -12.96 2.43 8.44
C PHE B 109 -13.54 3.29 7.34
N ARG B 110 -14.85 3.44 7.34
CA ARG B 110 -15.48 4.25 6.29
C ARG B 110 -15.35 5.75 6.54
N HIS B 111 -15.07 6.50 5.49
CA HIS B 111 -14.92 7.94 5.59
C HIS B 111 -16.12 8.63 6.21
N ARG B 112 -15.86 9.51 7.17
CA ARG B 112 -16.89 10.29 7.83
C ARG B 112 -16.71 11.76 7.39
N LEU B 113 -15.47 12.26 7.45
CA LEU B 113 -15.20 13.62 6.99
C LEU B 113 -14.70 13.36 5.59
N PRO B 114 -14.62 14.40 4.76
CA PRO B 114 -14.13 14.17 3.39
C PRO B 114 -12.60 14.10 3.28
N LEU B 115 -12.10 13.09 2.58
CA LEU B 115 -10.67 12.87 2.41
C LEU B 115 -9.92 14.14 2.09
N ALA B 116 -10.53 15.01 1.30
CA ALA B 116 -9.89 16.25 0.89
C ALA B 116 -9.70 17.25 2.02
N ARG B 117 -10.10 16.90 3.24
CA ARG B 117 -9.93 17.81 4.37
C ARG B 117 -8.71 17.43 5.20
N VAL B 118 -8.16 16.23 4.96
CA VAL B 118 -6.99 15.76 5.71
C VAL B 118 -5.68 16.46 5.28
N ARG B 119 -4.95 17.00 6.25
CA ARG B 119 -3.72 17.74 5.97
C ARG B 119 -2.47 17.26 6.69
N LEU B 120 -2.62 16.55 7.78
CA LEU B 120 -1.40 16.10 8.43
C LEU B 120 -1.57 14.84 9.26
N VAL B 121 -0.46 14.17 9.48
CA VAL B 121 -0.44 12.98 10.28
C VAL B 121 0.17 13.34 11.62
N GLU B 122 -0.31 12.72 12.68
CA GLU B 122 0.22 12.96 14.00
C GLU B 122 0.32 11.58 14.62
N VAL B 123 1.50 11.25 15.14
CA VAL B 123 1.69 9.98 15.81
C VAL B 123 2.12 10.34 17.21
N GLY B 124 1.47 9.77 18.22
CA GLY B 124 1.82 10.09 19.60
C GLY B 124 1.54 8.95 20.55
N GLY B 125 1.73 9.22 21.85
CA GLY B 125 1.52 8.19 22.86
C GLY B 125 2.77 7.39 23.17
N ASP B 126 2.60 6.21 23.75
CA ASP B 126 3.72 5.35 24.11
C ASP B 126 4.21 4.54 22.90
N VAL B 127 4.97 5.19 22.03
CA VAL B 127 5.48 4.51 20.85
C VAL B 127 6.86 5.01 20.47
N GLN B 128 7.70 4.10 19.95
CA GLN B 128 9.03 4.45 19.45
C GLN B 128 8.83 4.52 17.95
N LEU B 129 8.72 5.72 17.41
CA LEU B 129 8.49 5.89 15.98
C LEU B 129 9.79 5.89 15.18
N ASP B 130 9.95 4.92 14.29
CA ASP B 130 11.14 4.87 13.47
C ASP B 130 10.99 5.68 12.18
N SER B 131 9.84 5.58 11.52
CA SER B 131 9.60 6.34 10.29
C SER B 131 8.16 6.33 9.82
N VAL B 132 7.76 7.45 9.21
CA VAL B 132 6.45 7.63 8.63
C VAL B 132 6.72 8.01 7.16
N ARG B 133 6.18 7.23 6.23
CA ARG B 133 6.35 7.47 4.81
C ARG B 133 5.00 7.50 4.11
N ILE B 134 4.86 8.46 3.21
CA ILE B 134 3.67 8.62 2.44
C ILE B 134 3.99 8.23 1.00
N PHE B 135 3.22 7.30 0.45
CA PHE B 135 3.42 6.84 -0.91
C PHE B 135 2.22 7.18 -1.77
C1 NAG C . -15.52 5.25 27.07
C2 NAG C . -15.02 4.56 25.81
C3 NAG C . -13.55 4.97 25.53
C4 NAG C . -13.35 6.50 25.61
C5 NAG C . -14.04 7.09 26.86
C6 NAG C . -14.06 8.60 26.88
C7 NAG C . -16.29 2.53 25.69
C8 NAG C . -16.35 1.02 25.91
N2 NAG C . -15.13 3.13 25.99
O1 NAG C . -14.71 4.88 28.15
O3 NAG C . -13.21 4.51 24.23
O4 NAG C . -11.94 6.79 25.67
O5 NAG C . -15.41 6.66 26.91
O6 NAG C . -14.87 9.10 25.82
O7 NAG C . -17.28 3.15 25.23
C1 GAL C . -11.47 7.79 24.82
C2 GAL C . -9.98 8.05 25.11
C3 GAL C . -9.32 8.98 24.06
C4 GAL C . -9.64 8.49 22.65
C5 GAL C . -11.18 8.26 22.50
C6 GAL C . -11.63 7.72 21.15
O2 GAL C . -9.83 8.63 26.40
O3 GAL C . -7.91 8.96 24.24
O4 GAL C . -8.93 7.26 22.42
O5 GAL C . -11.64 7.31 23.49
O6 GAL C . -12.96 7.22 21.21
#